data_7CD4
#
_entry.id   7CD4
#
_cell.length_a   64.101
_cell.length_b   85.506
_cell.length_c   106.537
_cell.angle_alpha   90.00
_cell.angle_beta   90.00
_cell.angle_gamma   90.00
#
_symmetry.space_group_name_H-M   'P 21 21 21'
#
loop_
_entity.id
_entity.type
_entity.pdbx_description
1 polymer 'YabJ protein'
2 non-polymer 'ZINC ION'
3 non-polymer 'CHLORIDE ION'
4 non-polymer 2-[BIS-(2-HYDROXY-ETHYL)-AMINO]-2-HYDROXYMETHYL-PROPANE-1,3-DIOL
5 non-polymer 'MAGNESIUM ION'
6 water water
#
_entity_poly.entity_id   1
_entity_poly.type   'polypeptide(L)'
_entity_poly.pdbx_seq_one_letter_code
;MTKAVHTKHAPAAIGPYSQGIIVNNMFYSSGQIPLTPSGEMVNGDIKEQTHQVFSNLKAVLEEAGASFETVVKATVFIAD
MEQFAEVNEVYGQYFDTHKPARFCVEVARLPKDALVEIEVIALVK
;
_entity_poly.pdbx_strand_id   A,B,C,D
#
loop_
_chem_comp.id
_chem_comp.type
_chem_comp.name
_chem_comp.formula
BTB non-polymer 2-[BIS-(2-HYDROXY-ETHYL)-AMINO]-2-HYDROXYMETHYL-PROPANE-1,3-DIOL 'C8 H19 N O5'
CL non-polymer 'CHLORIDE ION' 'Cl -1'
MG non-polymer 'MAGNESIUM ION' 'Mg 2'
ZN non-polymer 'ZINC ION' 'Zn 2'
#
# COMPACT_ATOMS: atom_id res chain seq x y z
N THR A 2 -7.80 29.88 20.52
CA THR A 2 -6.48 30.41 20.94
C THR A 2 -5.39 29.72 20.12
N LYS A 3 -4.39 30.46 19.68
CA LYS A 3 -3.22 29.82 19.09
C LYS A 3 -2.56 28.83 20.08
N ALA A 4 -2.30 27.62 19.58
CA ALA A 4 -1.71 26.51 20.31
C ALA A 4 -0.46 26.04 19.55
N VAL A 5 0.66 25.96 20.26
CA VAL A 5 1.87 25.37 19.70
C VAL A 5 2.34 24.21 20.58
N HIS A 6 2.99 23.25 19.94
CA HIS A 6 3.70 22.17 20.66
C HIS A 6 5.18 22.42 20.49
N THR A 7 5.92 22.41 21.60
CA THR A 7 7.37 22.64 21.55
C THR A 7 8.03 21.56 20.71
N LYS A 8 8.85 21.97 19.74
CA LYS A 8 9.45 21.05 18.77
C LYS A 8 10.52 20.19 19.39
N HIS A 9 10.39 18.89 19.18
CA HIS A 9 11.32 17.92 19.75
C HIS A 9 12.63 17.93 18.95
N ALA A 10 13.78 17.83 19.59
CA ALA A 10 15.03 17.49 18.88
C ALA A 10 14.94 16.06 18.37
N PRO A 11 15.45 15.80 17.15
CA PRO A 11 15.35 14.49 16.50
C PRO A 11 16.33 13.44 17.01
N ALA A 12 15.98 12.17 16.84
CA ALA A 12 16.95 11.08 17.04
C ALA A 12 18.11 11.27 16.06
N ALA A 13 19.27 10.72 16.41
CA ALA A 13 20.40 10.65 15.50
C ALA A 13 20.06 9.70 14.36
N ILE A 14 20.35 10.11 13.13
CA ILE A 14 20.02 9.35 11.92
C ILE A 14 21.05 8.26 11.71
N GLY A 15 20.64 6.99 11.79
CA GLY A 15 21.52 5.85 11.49
C GLY A 15 21.64 5.58 9.99
N PRO A 16 22.70 4.84 9.56
CA PRO A 16 22.88 4.66 8.10
C PRO A 16 21.84 3.74 7.40
N TYR A 17 21.12 2.93 8.17
CA TYR A 17 20.05 2.06 7.66
C TYR A 17 18.64 2.43 8.15
N SER A 18 18.52 3.57 8.85
CA SER A 18 17.23 4.00 9.43
C SER A 18 16.75 5.30 8.83
N GLN A 19 17.36 5.71 7.72
CA GLN A 19 17.01 6.96 7.07
C GLN A 19 16.02 6.68 5.91
N GLY A 20 16.45 5.96 4.87
CA GLY A 20 15.68 5.79 3.64
C GLY A 20 16.56 5.60 2.41
N ILE A 21 15.93 5.63 1.24
CA ILE A 21 16.62 5.50 -0.05
C ILE A 21 16.00 6.46 -1.07
N ILE A 22 16.84 7.02 -1.96
CA ILE A 22 16.40 7.91 -3.05
C ILE A 22 16.53 7.14 -4.37
N VAL A 23 15.45 7.07 -5.12
CA VAL A 23 15.39 6.43 -6.44
C VAL A 23 14.60 7.36 -7.36
N ASN A 24 15.21 7.78 -8.47
CA ASN A 24 14.51 8.53 -9.51
C ASN A 24 13.76 9.76 -8.98
N ASN A 25 14.49 10.56 -8.21
CA ASN A 25 14.01 11.82 -7.61
C ASN A 25 12.97 11.70 -6.48
N MET A 26 12.71 10.48 -6.02
CA MET A 26 11.79 10.23 -4.90
C MET A 26 12.56 9.62 -3.72
N PHE A 27 12.28 10.14 -2.53
CA PHE A 27 12.83 9.64 -1.29
C PHE A 27 11.81 8.71 -0.63
N TYR A 28 12.22 7.50 -0.30
CA TYR A 28 11.38 6.53 0.40
C TYR A 28 11.97 6.35 1.78
N SER A 29 11.35 6.97 2.79
CA SER A 29 11.88 6.89 4.14
C SER A 29 11.67 5.48 4.71
N SER A 30 12.51 5.14 5.67
CA SER A 30 12.23 4.05 6.60
C SER A 30 11.19 4.57 7.59
N GLY A 31 10.59 3.65 8.33
CA GLY A 31 9.63 4.00 9.36
C GLY A 31 10.41 4.67 10.46
N GLN A 32 9.91 5.81 10.92
CA GLN A 32 10.52 6.53 12.02
C GLN A 32 9.68 6.22 13.24
N ILE A 33 10.36 5.93 14.34
CA ILE A 33 9.73 5.55 15.59
C ILE A 33 10.04 6.62 16.65
N PRO A 34 9.34 6.61 17.80
CA PRO A 34 9.43 7.75 18.75
C PRO A 34 10.71 7.85 19.62
N LEU A 35 11.87 7.61 19.01
CA LEU A 35 13.13 7.71 19.72
C LEU A 35 13.65 9.15 19.77
N THR A 36 14.20 9.49 20.92
CA THR A 36 14.80 10.79 21.21
C THR A 36 16.29 10.79 20.87
N PRO A 37 16.95 11.96 21.03
CA PRO A 37 18.40 12.00 20.73
C PRO A 37 19.31 11.02 21.49
N SER A 38 18.91 10.60 22.68
CA SER A 38 19.73 9.67 23.45
C SER A 38 19.33 8.20 23.22
N GLY A 39 18.50 7.94 22.21
CA GLY A 39 18.23 6.61 21.75
C GLY A 39 17.13 5.86 22.47
N GLU A 40 16.42 6.51 23.39
CA GLU A 40 15.32 5.86 24.12
C GLU A 40 13.96 6.42 23.68
N MET A 41 12.88 5.72 24.05
CA MET A 41 11.54 6.13 23.69
C MET A 41 11.23 7.44 24.39
N VAL A 42 10.64 8.38 23.67
CA VAL A 42 10.26 9.66 24.25
C VAL A 42 9.22 9.43 25.34
N ASN A 43 9.23 10.30 26.34
CA ASN A 43 8.23 10.26 27.42
C ASN A 43 6.89 10.69 26.89
N GLY A 44 5.84 10.13 27.47
CA GLY A 44 4.50 10.65 27.31
C GLY A 44 3.58 9.78 26.49
N ASP A 45 2.42 10.33 26.15
CA ASP A 45 1.33 9.57 25.55
C ASP A 45 1.52 9.47 24.02
N ILE A 46 0.50 8.97 23.30
CA ILE A 46 0.62 8.80 21.86
C ILE A 46 0.90 10.08 21.08
N LYS A 47 0.36 11.20 21.54
CA LYS A 47 0.60 12.49 20.91
C LYS A 47 2.07 12.91 21.03
N GLU A 48 2.64 12.71 22.23
CA GLU A 48 4.08 12.98 22.40
C GLU A 48 4.92 12.08 21.49
N GLN A 49 4.55 10.82 21.43
CA GLN A 49 5.27 9.90 20.55
C GLN A 49 5.16 10.31 19.08
N THR A 50 3.98 10.81 18.70
CA THR A 50 3.78 11.27 17.32
C THR A 50 4.61 12.50 17.02
N HIS A 51 4.67 13.45 17.95
CA HIS A 51 5.53 14.62 17.79
C HIS A 51 6.99 14.21 17.58
N GLN A 52 7.45 13.17 18.30
CA GLN A 52 8.85 12.71 18.15
C GLN A 52 9.08 12.12 16.78
N VAL A 53 8.10 11.35 16.33
CA VAL A 53 8.15 10.74 15.01
C VAL A 53 8.26 11.81 13.94
N PHE A 54 7.46 12.85 14.06
CA PHE A 54 7.53 13.97 13.12
C PHE A 54 8.87 14.70 13.15
N SER A 55 9.42 14.88 14.35
CA SER A 55 10.76 15.44 14.45
C SER A 55 11.80 14.59 13.69
N ASN A 56 11.70 13.27 13.88
CA ASN A 56 12.63 12.34 13.25
C ASN A 56 12.43 12.34 11.72
N LEU A 57 11.17 12.42 11.27
CA LEU A 57 10.87 12.56 9.85
C LEU A 57 11.49 13.81 9.23
N LYS A 58 11.31 14.95 9.91
CA LYS A 58 11.87 16.21 9.44
C LYS A 58 13.38 16.09 9.21
N ALA A 59 14.09 15.49 10.17
CA ALA A 59 15.53 15.24 10.05
C ALA A 59 15.87 14.41 8.81
N VAL A 60 15.18 13.29 8.60
CA VAL A 60 15.50 12.43 7.44
C VAL A 60 15.05 13.05 6.11
N LEU A 61 13.93 13.77 6.10
CA LEU A 61 13.52 14.50 4.90
C LEU A 61 14.58 15.53 4.47
N GLU A 62 15.01 16.36 5.43
CA GLU A 62 16.05 17.39 5.18
C GLU A 62 17.37 16.78 4.71
N GLU A 63 17.83 15.72 5.37
CA GLU A 63 19.01 15.01 4.89
C GLU A 63 18.86 14.58 3.42
N ALA A 64 17.66 14.14 3.04
CA ALA A 64 17.36 13.68 1.68
C ALA A 64 17.07 14.79 0.65
N GLY A 65 17.03 16.05 1.06
CA GLY A 65 16.70 17.16 0.15
C GLY A 65 15.21 17.33 -0.10
N ALA A 66 14.41 16.85 0.84
CA ALA A 66 12.94 16.92 0.76
C ALA A 66 12.43 17.70 1.98
N SER A 67 11.11 17.79 2.11
CA SER A 67 10.50 18.45 3.22
C SER A 67 9.08 17.93 3.41
N PHE A 68 8.42 18.37 4.47
CA PHE A 68 7.01 18.05 4.65
C PHE A 68 6.18 18.43 3.42
N GLU A 69 6.47 19.60 2.84
CA GLU A 69 5.74 20.09 1.66
C GLU A 69 5.84 19.17 0.44
N THR A 70 6.91 18.38 0.32
CA THR A 70 7.07 17.47 -0.81
C THR A 70 6.64 16.02 -0.52
N VAL A 71 6.09 15.73 0.66
CA VAL A 71 5.59 14.40 0.96
C VAL A 71 4.32 14.15 0.17
N VAL A 72 4.34 13.10 -0.65
CA VAL A 72 3.19 12.73 -1.46
C VAL A 72 2.43 11.53 -0.87
N LYS A 73 3.09 10.75 -0.01
CA LYS A 73 2.40 9.69 0.71
C LYS A 73 2.93 9.51 2.10
N ALA A 74 2.02 9.35 3.07
CA ALA A 74 2.39 8.95 4.44
C ALA A 74 1.67 7.68 4.86
N THR A 75 2.41 6.72 5.41
CA THR A 75 1.83 5.53 6.00
C THR A 75 2.08 5.57 7.51
N VAL A 76 0.99 5.45 8.27
CA VAL A 76 1.02 5.44 9.73
C VAL A 76 0.81 4.02 10.22
N PHE A 77 1.78 3.50 10.96
CA PHE A 77 1.65 2.21 11.61
C PHE A 77 1.30 2.47 13.06
N ILE A 78 0.22 1.86 13.53
CA ILE A 78 -0.32 2.22 14.82
C ILE A 78 -0.61 0.93 15.63
N ALA A 79 -0.40 0.98 16.95
CA ALA A 79 -0.62 -0.20 17.83
C ALA A 79 -2.09 -0.49 17.96
N ASP A 80 -2.88 0.58 18.01
CA ASP A 80 -4.30 0.51 18.28
C ASP A 80 -5.03 1.54 17.42
N MET A 81 -6.01 1.08 16.64
CA MET A 81 -6.75 1.95 15.75
C MET A 81 -7.61 3.01 16.44
N GLU A 82 -8.03 2.75 17.67
CA GLU A 82 -8.75 3.76 18.47
C GLU A 82 -7.88 4.96 18.79
N GLN A 83 -6.55 4.82 18.75
CA GLN A 83 -5.67 5.98 18.93
C GLN A 83 -5.43 6.81 17.64
N PHE A 84 -6.09 6.44 16.54
CA PHE A 84 -5.90 7.17 15.31
C PHE A 84 -6.24 8.66 15.40
N ALA A 85 -7.35 8.99 16.06
CA ALA A 85 -7.81 10.41 16.17
C ALA A 85 -6.70 11.30 16.78
N GLU A 86 -6.08 10.83 17.85
CA GLU A 86 -4.97 11.54 18.49
C GLU A 86 -3.75 11.63 17.56
N VAL A 87 -3.37 10.54 16.90
CA VAL A 87 -2.26 10.63 15.93
C VAL A 87 -2.58 11.67 14.85
N ASN A 88 -3.80 11.65 14.34
CA ASN A 88 -4.19 12.53 13.26
C ASN A 88 -4.24 14.02 13.67
N GLU A 89 -4.57 14.27 14.94
CA GLU A 89 -4.45 15.61 15.53
C GLU A 89 -3.01 16.15 15.44
N VAL A 90 -2.00 15.30 15.68
CA VAL A 90 -0.60 15.72 15.57
C VAL A 90 -0.17 15.82 14.09
N TYR A 91 -0.62 14.85 13.28
CA TYR A 91 -0.36 14.81 11.85
C TYR A 91 -0.73 16.15 11.20
N GLY A 92 -1.91 16.67 11.54
CA GLY A 92 -2.39 17.94 11.01
C GLY A 92 -1.58 19.18 11.36
N GLN A 93 -0.74 19.11 12.40
CA GLN A 93 0.15 20.22 12.78
C GLN A 93 1.39 20.28 11.89
N TYR A 94 1.89 19.15 11.42
CA TYR A 94 3.04 19.15 10.51
C TYR A 94 2.61 19.19 9.03
N PHE A 95 1.52 18.53 8.71
CA PHE A 95 0.92 18.59 7.38
C PHE A 95 -0.32 19.48 7.52
N ASP A 96 -0.12 20.79 7.68
CA ASP A 96 -1.21 21.76 7.84
C ASP A 96 -1.59 22.36 6.48
N THR A 97 -0.71 23.20 5.95
CA THR A 97 -0.95 23.86 4.65
C THR A 97 -0.82 22.88 3.50
N HIS A 98 -0.08 21.81 3.71
CA HIS A 98 -0.02 20.73 2.74
C HIS A 98 -0.50 19.42 3.39
N LYS A 99 -1.48 18.76 2.77
CA LYS A 99 -1.85 17.37 3.11
C LYS A 99 -1.35 16.45 2.01
N PRO A 100 -0.54 15.44 2.36
CA PRO A 100 -0.13 14.45 1.35
C PRO A 100 -1.32 13.85 0.61
N ALA A 101 -1.16 13.66 -0.69
CA ALA A 101 -2.24 13.16 -1.56
C ALA A 101 -2.71 11.74 -1.23
N ARG A 102 -1.84 10.93 -0.67
CA ARG A 102 -2.20 9.60 -0.18
C ARG A 102 -1.75 9.40 1.25
N PHE A 103 -2.64 8.88 2.07
CA PHE A 103 -2.20 8.34 3.33
C PHE A 103 -2.93 7.07 3.71
N CYS A 104 -2.20 6.21 4.40
CA CYS A 104 -2.68 4.94 4.87
C CYS A 104 -2.40 4.78 6.35
N VAL A 105 -3.26 4.05 7.04
CA VAL A 105 -3.08 3.66 8.43
C VAL A 105 -3.28 2.17 8.54
N GLU A 106 -2.40 1.52 9.29
CA GLU A 106 -2.44 0.07 9.50
C GLU A 106 -2.19 -0.25 10.95
N VAL A 107 -2.97 -1.18 11.49
CA VAL A 107 -2.65 -1.74 12.79
C VAL A 107 -1.41 -2.62 12.59
N ALA A 108 -0.42 -2.45 13.47
CA ALA A 108 0.85 -3.16 13.37
C ALA A 108 1.48 -3.47 14.71
N ARG A 109 2.33 -4.49 14.66
CA ARG A 109 3.22 -4.85 15.75
C ARG A 109 4.41 -3.90 15.70
N LEU A 110 4.60 -3.14 16.76
CA LEU A 110 5.61 -2.09 16.79
C LEU A 110 6.66 -2.45 17.84
N PRO A 111 7.87 -1.85 17.76
CA PRO A 111 8.86 -2.12 18.81
C PRO A 111 8.38 -1.75 20.19
N LYS A 112 8.96 -2.41 21.20
CA LYS A 112 8.56 -2.28 22.60
C LYS A 112 8.34 -0.83 22.99
N ASP A 113 7.21 -0.54 23.63
CA ASP A 113 6.81 0.81 24.06
C ASP A 113 6.38 1.81 22.94
N ALA A 114 6.60 1.48 21.65
CA ALA A 114 6.24 2.38 20.56
C ALA A 114 4.76 2.20 20.24
N LEU A 115 4.02 3.30 20.17
CA LEU A 115 2.58 3.27 19.86
C LEU A 115 2.30 3.75 18.44
N VAL A 116 3.32 4.25 17.75
CA VAL A 116 3.14 4.84 16.43
C VAL A 116 4.46 4.83 15.70
N GLU A 117 4.40 4.64 14.39
CA GLU A 117 5.55 4.72 13.52
C GLU A 117 5.04 5.27 12.21
N ILE A 118 5.83 6.07 11.51
CA ILE A 118 5.39 6.66 10.25
C ILE A 118 6.49 6.61 9.21
N GLU A 119 6.14 6.24 7.98
CA GLU A 119 7.06 6.32 6.86
C GLU A 119 6.43 7.21 5.78
N VAL A 120 7.30 7.89 5.03
CA VAL A 120 6.88 8.84 4.01
C VAL A 120 7.56 8.59 2.68
N ILE A 121 6.89 9.04 1.63
CA ILE A 121 7.48 9.12 0.29
C ILE A 121 7.41 10.59 -0.10
N ALA A 122 8.54 11.13 -0.55
CA ALA A 122 8.63 12.53 -0.86
C ALA A 122 9.48 12.84 -2.09
N LEU A 123 9.10 13.93 -2.77
CA LEU A 123 9.80 14.43 -3.94
C LEU A 123 11.08 15.14 -3.47
N VAL A 124 12.21 14.78 -4.07
CA VAL A 124 13.49 15.43 -3.82
C VAL A 124 13.54 16.61 -4.78
N LYS A 125 13.58 17.82 -4.24
CA LYS A 125 13.47 19.07 -5.02
C LYS A 125 14.63 19.22 -6.01
N SER B 18 -20.50 -7.11 -12.68
CA SER B 18 -20.43 -7.35 -11.21
C SER B 18 -19.87 -6.14 -10.42
N GLN B 19 -19.98 -6.26 -9.10
CA GLN B 19 -19.59 -5.24 -8.16
C GLN B 19 -18.31 -5.61 -7.39
N GLY B 20 -17.56 -6.60 -7.92
CA GLY B 20 -16.34 -7.10 -7.31
C GLY B 20 -16.02 -8.55 -7.69
N ILE B 21 -15.06 -9.13 -7.00
CA ILE B 21 -14.65 -10.50 -7.24
C ILE B 21 -14.34 -11.15 -5.89
N ILE B 22 -14.65 -12.44 -5.77
CA ILE B 22 -14.27 -13.23 -4.60
C ILE B 22 -13.10 -14.12 -5.00
N VAL B 23 -11.99 -14.02 -4.28
CA VAL B 23 -10.89 -14.97 -4.41
C VAL B 23 -10.48 -15.44 -3.02
N ASN B 24 -10.42 -16.78 -2.85
CA ASN B 24 -9.87 -17.42 -1.65
C ASN B 24 -10.48 -16.83 -0.37
N ASN B 25 -11.82 -16.87 -0.30
CA ASN B 25 -12.60 -16.36 0.86
C ASN B 25 -12.63 -14.83 1.05
N MET B 26 -12.05 -14.05 0.13
CA MET B 26 -11.95 -12.59 0.26
C MET B 26 -12.71 -11.93 -0.87
N PHE B 27 -13.58 -10.98 -0.52
CA PHE B 27 -14.32 -10.18 -1.49
C PHE B 27 -13.57 -8.88 -1.74
N TYR B 28 -13.30 -8.58 -3.01
CA TYR B 28 -12.64 -7.37 -3.43
C TYR B 28 -13.67 -6.56 -4.17
N SER B 29 -14.27 -5.55 -3.53
CA SER B 29 -15.32 -4.76 -4.18
C SER B 29 -14.74 -3.81 -5.19
N SER B 30 -15.56 -3.43 -6.15
CA SER B 30 -15.29 -2.24 -6.92
C SER B 30 -15.70 -1.03 -6.11
N GLY B 31 -15.26 0.13 -6.58
CA GLY B 31 -15.52 1.38 -5.92
C GLY B 31 -16.99 1.70 -5.94
N GLN B 32 -17.55 2.06 -4.80
CA GLN B 32 -18.93 2.45 -4.70
C GLN B 32 -18.99 3.96 -4.65
N ILE B 33 -19.92 4.51 -5.42
CA ILE B 33 -20.06 5.96 -5.59
C ILE B 33 -21.39 6.42 -5.02
N PRO B 34 -21.58 7.73 -4.86
CA PRO B 34 -22.80 8.23 -4.19
C PRO B 34 -24.03 8.23 -5.12
N LEU B 35 -24.32 7.09 -5.74
CA LEU B 35 -25.40 6.95 -6.69
C LEU B 35 -26.64 6.42 -5.99
N THR B 36 -27.78 7.05 -6.25
CA THR B 36 -29.07 6.60 -5.75
C THR B 36 -29.61 5.55 -6.71
N PRO B 37 -30.60 4.75 -6.28
CA PRO B 37 -31.18 3.74 -7.16
C PRO B 37 -31.86 4.28 -8.43
N SER B 38 -32.19 5.57 -8.48
CA SER B 38 -32.71 6.20 -9.71
C SER B 38 -31.65 6.48 -10.78
N GLY B 39 -30.37 6.45 -10.38
CA GLY B 39 -29.27 6.83 -11.25
C GLY B 39 -28.79 8.28 -11.15
N GLU B 40 -29.37 9.06 -10.25
CA GLU B 40 -28.85 10.39 -9.96
C GLU B 40 -27.82 10.27 -8.85
N MET B 41 -26.78 11.10 -8.95
CA MET B 41 -25.88 11.37 -7.84
C MET B 41 -26.72 11.97 -6.72
N VAL B 42 -26.44 11.55 -5.49
CA VAL B 42 -27.29 11.96 -4.38
C VAL B 42 -27.16 13.47 -4.15
N ASN B 43 -28.28 14.08 -3.72
CA ASN B 43 -28.29 15.49 -3.37
C ASN B 43 -27.56 15.70 -2.04
N GLY B 44 -26.76 16.76 -1.98
CA GLY B 44 -26.24 17.28 -0.71
C GLY B 44 -24.74 17.27 -0.58
N ASP B 45 -24.28 17.48 0.64
CA ASP B 45 -22.87 17.65 0.93
C ASP B 45 -22.09 16.29 0.92
N ILE B 46 -20.81 16.36 1.21
CA ILE B 46 -19.98 15.15 1.24
C ILE B 46 -20.45 14.09 2.25
N LYS B 47 -20.97 14.51 3.39
CA LYS B 47 -21.56 13.55 4.35
C LYS B 47 -22.75 12.77 3.80
N GLU B 48 -23.68 13.49 3.17
CA GLU B 48 -24.81 12.88 2.47
C GLU B 48 -24.34 11.91 1.40
N GLN B 49 -23.36 12.32 0.59
CA GLN B 49 -22.77 11.44 -0.41
C GLN B 49 -22.15 10.21 0.24
N THR B 50 -21.43 10.40 1.34
CA THR B 50 -20.75 9.29 2.02
C THR B 50 -21.78 8.28 2.57
N HIS B 51 -22.88 8.78 3.13
CA HIS B 51 -23.98 7.90 3.57
C HIS B 51 -24.51 7.00 2.44
N GLN B 52 -24.65 7.55 1.23
CA GLN B 52 -25.10 6.81 0.06
C GLN B 52 -24.05 5.80 -0.39
N VAL B 53 -22.78 6.19 -0.31
CA VAL B 53 -21.71 5.24 -0.64
C VAL B 53 -21.83 4.06 0.31
N PHE B 54 -22.03 4.34 1.58
CA PHE B 54 -22.21 3.25 2.57
C PHE B 54 -23.47 2.39 2.38
N SER B 55 -24.61 2.97 1.95
CA SER B 55 -25.79 2.11 1.58
C SER B 55 -25.44 1.20 0.44
N ASN B 56 -24.70 1.72 -0.54
CA ASN B 56 -24.32 0.90 -1.70
C ASN B 56 -23.34 -0.19 -1.29
N LEU B 57 -22.36 0.14 -0.45
CA LEU B 57 -21.43 -0.87 0.08
C LEU B 57 -22.15 -1.97 0.86
N LYS B 58 -23.09 -1.55 1.71
CA LYS B 58 -23.87 -2.48 2.53
C LYS B 58 -24.47 -3.58 1.64
N ALA B 59 -25.10 -3.16 0.55
CA ALA B 59 -25.78 -4.10 -0.34
C ALA B 59 -24.79 -5.00 -1.09
N VAL B 60 -23.66 -4.47 -1.55
CA VAL B 60 -22.73 -5.34 -2.27
C VAL B 60 -22.03 -6.31 -1.32
N LEU B 61 -21.72 -5.85 -0.10
CA LEU B 61 -21.13 -6.71 0.92
C LEU B 61 -22.07 -7.85 1.29
N GLU B 62 -23.33 -7.55 1.57
CA GLU B 62 -24.34 -8.59 1.87
C GLU B 62 -24.52 -9.61 0.73
N GLU B 63 -24.70 -9.11 -0.48
CA GLU B 63 -24.66 -9.93 -1.70
C GLU B 63 -23.45 -10.88 -1.75
N ALA B 64 -22.27 -10.40 -1.36
CA ALA B 64 -21.05 -11.21 -1.34
C ALA B 64 -20.88 -12.18 -0.16
N GLY B 65 -21.78 -12.15 0.81
CA GLY B 65 -21.61 -12.93 2.05
C GLY B 65 -20.64 -12.32 3.07
N ALA B 66 -20.56 -10.98 3.08
CA ALA B 66 -19.68 -10.26 3.96
C ALA B 66 -20.48 -9.17 4.61
N SER B 67 -19.84 -8.35 5.45
CA SER B 67 -20.53 -7.26 6.12
C SER B 67 -19.54 -6.19 6.54
N PHE B 68 -20.06 -5.09 7.10
CA PHE B 68 -19.19 -4.04 7.64
C PHE B 68 -18.24 -4.56 8.72
N GLU B 69 -18.61 -5.66 9.38
CA GLU B 69 -17.79 -6.24 10.44
C GLU B 69 -16.69 -7.15 9.93
N THR B 70 -16.67 -7.45 8.62
CA THR B 70 -15.62 -8.31 8.05
C THR B 70 -14.73 -7.58 7.05
N VAL B 71 -14.85 -6.26 6.95
CA VAL B 71 -13.96 -5.47 6.09
C VAL B 71 -12.58 -5.36 6.75
N VAL B 72 -11.55 -5.83 6.06
CA VAL B 72 -10.18 -5.72 6.56
C VAL B 72 -9.44 -4.50 6.05
N LYS B 73 -9.84 -4.01 4.87
CA LYS B 73 -9.25 -2.79 4.30
C LYS B 73 -10.28 -2.02 3.55
N ALA B 74 -10.31 -0.71 3.78
CA ALA B 74 -11.14 0.22 3.02
C ALA B 74 -10.22 1.22 2.33
N THR B 75 -10.56 1.60 1.09
CA THR B 75 -9.83 2.66 0.39
C THR B 75 -10.81 3.74 0.02
N VAL B 76 -10.55 4.95 0.51
CA VAL B 76 -11.41 6.11 0.29
C VAL B 76 -10.77 6.96 -0.80
N PHE B 77 -11.45 7.11 -1.93
CA PHE B 77 -11.00 8.02 -2.99
C PHE B 77 -11.74 9.33 -2.78
N ILE B 78 -11.00 10.42 -2.70
CA ILE B 78 -11.59 11.68 -2.34
C ILE B 78 -11.18 12.77 -3.33
N ALA B 79 -12.11 13.66 -3.65
CA ALA B 79 -11.80 14.77 -4.58
C ALA B 79 -10.87 15.77 -3.92
N ASP B 80 -11.03 15.99 -2.61
CA ASP B 80 -10.23 16.96 -1.86
C ASP B 80 -9.85 16.39 -0.49
N MET B 81 -8.55 16.29 -0.21
CA MET B 81 -8.07 15.67 1.01
C MET B 81 -8.52 16.43 2.28
N GLU B 82 -8.76 17.74 2.15
CA GLU B 82 -9.33 18.56 3.24
C GLU B 82 -10.73 18.11 3.68
N GLN B 83 -11.45 17.37 2.83
CA GLN B 83 -12.77 16.86 3.21
C GLN B 83 -12.71 15.50 3.93
N PHE B 84 -11.51 14.97 4.20
CA PHE B 84 -11.44 13.65 4.81
C PHE B 84 -12.07 13.60 6.21
N ALA B 85 -11.88 14.62 7.03
CA ALA B 85 -12.46 14.59 8.38
C ALA B 85 -13.97 14.34 8.34
N GLU B 86 -14.68 14.96 7.40
CA GLU B 86 -16.12 14.76 7.28
C GLU B 86 -16.52 13.37 6.79
N VAL B 87 -15.76 12.83 5.83
CA VAL B 87 -15.98 11.45 5.40
C VAL B 87 -15.80 10.49 6.59
N ASN B 88 -14.74 10.74 7.35
CA ASN B 88 -14.35 9.88 8.45
C ASN B 88 -15.41 9.85 9.55
N GLU B 89 -16.09 10.98 9.77
CA GLU B 89 -17.24 11.01 10.70
C GLU B 89 -18.34 10.05 10.26
N VAL B 90 -18.61 9.96 8.97
CA VAL B 90 -19.64 9.04 8.47
C VAL B 90 -19.08 7.61 8.49
N TYR B 91 -17.84 7.45 8.05
CA TYR B 91 -17.14 6.15 8.07
C TYR B 91 -17.28 5.43 9.43
N GLY B 92 -17.05 6.16 10.52
CA GLY B 92 -17.13 5.63 11.88
C GLY B 92 -18.50 5.17 12.34
N GLN B 93 -19.56 5.68 11.72
CA GLN B 93 -20.93 5.23 12.05
C GLN B 93 -21.21 3.85 11.48
N TYR B 94 -20.73 3.57 10.27
CA TYR B 94 -20.94 2.26 9.65
C TYR B 94 -19.94 1.22 10.14
N PHE B 95 -18.69 1.62 10.32
CA PHE B 95 -17.66 0.76 10.89
C PHE B 95 -17.57 1.06 12.39
N ASP B 96 -18.68 0.95 13.09
CA ASP B 96 -18.75 1.24 14.53
C ASP B 96 -18.46 -0.01 15.41
N THR B 97 -18.52 -1.19 14.82
CA THR B 97 -18.19 -2.41 15.55
C THR B 97 -16.73 -2.78 15.31
N HIS B 98 -16.35 -2.98 14.04
CA HIS B 98 -14.93 -3.15 13.64
C HIS B 98 -14.49 -2.09 12.65
N LYS B 99 -13.61 -1.20 13.08
CA LYS B 99 -12.86 -0.35 12.16
C LYS B 99 -11.93 -1.27 11.40
N PRO B 100 -11.92 -1.20 10.06
CA PRO B 100 -10.94 -1.99 9.32
C PRO B 100 -9.51 -1.79 9.85
N ALA B 101 -8.77 -2.88 9.97
CA ALA B 101 -7.38 -2.90 10.39
C ALA B 101 -6.47 -1.99 9.53
N ARG B 102 -6.82 -1.82 8.26
CA ARG B 102 -6.11 -0.92 7.37
C ARG B 102 -7.08 -0.05 6.61
N PHE B 103 -6.69 1.21 6.43
CA PHE B 103 -7.41 2.06 5.50
C PHE B 103 -6.47 3.00 4.81
N CYS B 104 -6.83 3.39 3.59
CA CYS B 104 -6.09 4.36 2.81
C CYS B 104 -7.05 5.43 2.32
N VAL B 105 -6.51 6.63 2.13
CA VAL B 105 -7.23 7.74 1.54
C VAL B 105 -6.36 8.28 0.40
N GLU B 106 -6.96 8.46 -0.77
CA GLU B 106 -6.27 8.91 -1.99
C GLU B 106 -7.04 10.04 -2.69
N VAL B 107 -6.37 11.14 -2.98
CA VAL B 107 -6.92 12.17 -3.88
C VAL B 107 -7.04 11.53 -5.27
N ALA B 108 -8.19 11.68 -5.92
CA ALA B 108 -8.44 11.11 -7.25
C ALA B 108 -9.43 11.97 -8.01
N ARG B 109 -9.48 11.78 -9.32
CA ARG B 109 -10.49 12.40 -10.18
C ARG B 109 -11.66 11.44 -10.13
N LEU B 110 -12.79 11.90 -9.63
CA LEU B 110 -13.96 11.06 -9.47
C LEU B 110 -14.98 11.39 -10.57
N PRO B 111 -15.99 10.54 -10.75
CA PRO B 111 -17.04 10.88 -11.68
C PRO B 111 -17.70 12.20 -11.33
N LYS B 112 -18.27 12.81 -12.34
CA LYS B 112 -18.89 14.13 -12.24
C LYS B 112 -19.83 14.19 -11.02
N ASP B 113 -19.64 15.21 -10.18
CA ASP B 113 -20.43 15.47 -8.96
C ASP B 113 -20.17 14.53 -7.76
N ALA B 114 -19.40 13.45 -7.95
CA ALA B 114 -18.98 12.62 -6.84
C ALA B 114 -17.82 13.30 -6.11
N LEU B 115 -17.93 13.40 -4.80
CA LEU B 115 -16.86 13.93 -3.93
C LEU B 115 -16.12 12.82 -3.18
N VAL B 116 -16.67 11.61 -3.23
CA VAL B 116 -16.14 10.49 -2.50
C VAL B 116 -16.53 9.18 -3.17
N GLU B 117 -15.62 8.22 -3.08
CA GLU B 117 -15.84 6.88 -3.55
C GLU B 117 -15.08 5.94 -2.61
N ILE B 118 -15.65 4.76 -2.32
CA ILE B 118 -15.04 3.83 -1.37
C ILE B 118 -15.03 2.41 -1.92
N GLU B 119 -13.90 1.74 -1.85
CA GLU B 119 -13.84 0.30 -2.16
C GLU B 119 -13.37 -0.43 -0.90
N VAL B 120 -13.73 -1.70 -0.79
CA VAL B 120 -13.42 -2.50 0.38
C VAL B 120 -12.92 -3.87 -0.01
N ILE B 121 -12.19 -4.46 0.94
CA ILE B 121 -11.74 -5.82 0.91
C ILE B 121 -12.29 -6.44 2.19
N ALA B 122 -13.04 -7.53 2.04
CA ALA B 122 -13.75 -8.14 3.15
C ALA B 122 -13.67 -9.66 3.14
N LEU B 123 -13.62 -10.24 4.33
CA LEU B 123 -13.66 -11.68 4.51
C LEU B 123 -15.10 -12.18 4.30
N VAL B 124 -15.25 -13.26 3.55
CA VAL B 124 -16.52 -13.90 3.25
C VAL B 124 -16.63 -15.10 4.18
N LYS B 125 -17.66 -15.07 5.05
CA LYS B 125 -17.93 -16.10 6.09
C LYS B 125 -17.91 -17.52 5.57
N VAL C 5 14.20 -29.39 -5.81
CA VAL C 5 13.58 -28.77 -4.59
C VAL C 5 14.72 -28.23 -3.73
N HIS C 6 14.68 -26.93 -3.40
CA HIS C 6 15.78 -26.29 -2.67
C HIS C 6 15.87 -26.82 -1.26
N THR C 7 17.09 -26.99 -0.74
CA THR C 7 17.29 -27.40 0.65
C THR C 7 16.60 -26.39 1.56
N LYS C 8 15.75 -26.87 2.48
CA LYS C 8 15.05 -25.98 3.41
C LYS C 8 16.07 -25.28 4.30
N HIS C 9 15.82 -24.02 4.60
CA HIS C 9 16.66 -23.26 5.49
C HIS C 9 16.12 -23.39 6.90
N ALA C 10 17.00 -23.23 7.88
CA ALA C 10 16.60 -23.34 9.27
C ALA C 10 16.12 -21.95 9.69
N PRO C 11 14.87 -21.84 10.19
CA PRO C 11 14.32 -20.51 10.53
C PRO C 11 15.04 -19.85 11.69
N ALA C 12 15.13 -18.52 11.68
CA ALA C 12 15.66 -17.81 12.85
C ALA C 12 14.69 -17.95 14.03
N ALA C 13 15.21 -17.76 15.24
CA ALA C 13 14.38 -17.69 16.44
C ALA C 13 13.87 -16.27 16.51
N ILE C 14 12.59 -16.07 16.21
CA ILE C 14 12.05 -14.72 15.99
C ILE C 14 11.44 -14.19 17.31
N GLY C 15 11.87 -12.98 17.72
CA GLY C 15 11.43 -12.38 18.97
C GLY C 15 9.98 -11.95 18.95
N PRO C 16 9.36 -11.71 20.13
CA PRO C 16 7.93 -11.33 20.19
C PRO C 16 7.53 -10.10 19.33
N TYR C 17 8.45 -9.14 19.18
CA TYR C 17 8.21 -7.91 18.40
C TYR C 17 8.49 -8.02 16.89
N SER C 18 9.02 -9.16 16.45
CA SER C 18 9.32 -9.42 15.03
C SER C 18 8.38 -10.46 14.40
N GLN C 19 7.40 -10.94 15.16
CA GLN C 19 6.55 -12.01 14.70
C GLN C 19 5.13 -11.52 14.34
N GLY C 20 4.93 -10.20 14.23
CA GLY C 20 3.71 -9.62 13.65
C GLY C 20 2.52 -9.53 14.60
N ILE C 21 1.32 -9.37 14.05
CA ILE C 21 0.13 -9.25 14.87
C ILE C 21 -1.06 -9.87 14.17
N ILE C 22 -1.96 -10.46 14.97
CA ILE C 22 -3.24 -10.96 14.48
C ILE C 22 -4.26 -9.90 14.87
N VAL C 23 -5.03 -9.40 13.92
CA VAL C 23 -6.14 -8.51 14.23
C VAL C 23 -7.39 -9.19 13.73
N ASN C 24 -8.27 -9.54 14.67
CA ASN C 24 -9.48 -10.33 14.36
C ASN C 24 -9.06 -11.64 13.64
N ASN C 25 -9.45 -11.87 12.39
CA ASN C 25 -9.13 -13.15 11.74
C ASN C 25 -7.89 -13.14 10.84
N MET C 26 -7.15 -12.03 10.80
CA MET C 26 -6.03 -11.85 9.84
C MET C 26 -4.70 -11.69 10.58
N PHE C 27 -3.66 -12.33 10.04
CA PHE C 27 -2.31 -12.25 10.55
C PHE C 27 -1.55 -11.32 9.64
N TYR C 28 -0.90 -10.33 10.25
CA TYR C 28 -0.09 -9.34 9.55
C TYR C 28 1.33 -9.51 10.02
N SER C 29 2.19 -10.11 9.20
CA SER C 29 3.58 -10.38 9.60
C SER C 29 4.34 -9.06 9.60
N SER C 30 5.36 -8.98 10.45
CA SER C 30 6.40 -7.96 10.29
C SER C 30 7.21 -8.39 9.05
N GLY C 31 8.08 -7.49 8.56
CA GLY C 31 8.97 -7.80 7.47
C GLY C 31 9.96 -8.86 7.95
N GLN C 32 10.09 -9.96 7.22
CA GLN C 32 11.05 -11.00 7.58
C GLN C 32 12.30 -10.81 6.73
N ILE C 33 13.45 -10.95 7.36
CA ILE C 33 14.73 -10.68 6.72
C ILE C 33 15.57 -11.93 6.74
N PRO C 34 16.69 -11.96 6.00
CA PRO C 34 17.49 -13.21 5.89
C PRO C 34 18.36 -13.50 7.12
N LEU C 35 17.72 -13.55 8.29
CA LEU C 35 18.40 -13.86 9.53
C LEU C 35 18.40 -15.36 9.69
N THR C 36 19.54 -15.89 10.12
CA THR C 36 19.72 -17.32 10.39
C THR C 36 19.53 -17.58 11.90
N PRO C 37 19.50 -18.85 12.31
CA PRO C 37 19.41 -19.18 13.74
C PRO C 37 20.51 -18.61 14.64
N SER C 38 21.69 -18.34 14.09
CA SER C 38 22.79 -17.79 14.86
C SER C 38 22.73 -16.28 15.03
N GLY C 39 21.64 -15.63 14.59
CA GLY C 39 21.52 -14.19 14.66
C GLY C 39 22.25 -13.38 13.58
N GLU C 40 22.97 -14.05 12.69
CA GLU C 40 23.69 -13.35 11.64
C GLU C 40 22.88 -13.39 10.36
N MET C 41 23.22 -12.49 9.45
CA MET C 41 22.56 -12.38 8.16
C MET C 41 23.12 -13.48 7.27
N VAL C 42 22.30 -14.02 6.39
CA VAL C 42 22.75 -15.02 5.43
C VAL C 42 23.92 -14.49 4.64
N ASN C 43 24.95 -15.30 4.53
CA ASN C 43 26.09 -15.02 3.66
C ASN C 43 25.82 -15.81 2.38
N GLY C 44 25.50 -15.11 1.30
CA GLY C 44 25.08 -15.77 0.05
C GLY C 44 24.33 -14.82 -0.87
N ASP C 45 24.04 -15.27 -2.08
CA ASP C 45 23.37 -14.41 -3.05
C ASP C 45 21.90 -14.15 -2.65
N ILE C 46 21.23 -13.31 -3.45
CA ILE C 46 19.85 -12.92 -3.15
C ILE C 46 18.87 -14.09 -3.14
N LYS C 47 19.12 -15.13 -3.93
CA LYS C 47 18.26 -16.31 -3.90
C LYS C 47 18.36 -17.07 -2.57
N GLU C 48 19.58 -17.30 -2.07
CA GLU C 48 19.76 -17.92 -0.74
C GLU C 48 19.09 -17.09 0.37
N GLN C 49 19.24 -15.77 0.30
CA GLN C 49 18.56 -14.88 1.26
C GLN C 49 17.06 -15.00 1.18
N THR C 50 16.53 -15.11 -0.04
CA THR C 50 15.08 -15.22 -0.21
C THR C 50 14.58 -16.54 0.38
N HIS C 51 15.33 -17.62 0.18
CA HIS C 51 15.01 -18.92 0.79
C HIS C 51 15.03 -18.78 2.32
N GLN C 52 16.03 -18.11 2.87
CA GLN C 52 16.04 -17.82 4.30
C GLN C 52 14.78 -17.05 4.75
N VAL C 53 14.45 -15.99 4.01
CA VAL C 53 13.27 -15.21 4.30
C VAL C 53 12.04 -16.11 4.35
N PHE C 54 11.87 -16.95 3.34
CA PHE C 54 10.73 -17.88 3.30
C PHE C 54 10.70 -18.89 4.44
N SER C 55 11.84 -19.35 4.95
CA SER C 55 11.76 -20.24 6.14
C SER C 55 11.35 -19.41 7.38
N ASN C 56 11.80 -18.16 7.48
CA ASN C 56 11.36 -17.29 8.57
C ASN C 56 9.87 -16.97 8.45
N LEU C 57 9.39 -16.78 7.22
CA LEU C 57 7.95 -16.58 6.98
C LEU C 57 7.15 -17.81 7.39
N LYS C 58 7.65 -18.98 7.02
CA LYS C 58 7.01 -20.24 7.37
C LYS C 58 6.82 -20.34 8.88
N ALA C 59 7.89 -20.07 9.63
CA ALA C 59 7.85 -20.12 11.11
C ALA C 59 6.85 -19.14 11.73
N VAL C 60 6.88 -17.87 11.30
CA VAL C 60 5.92 -16.90 11.84
C VAL C 60 4.48 -17.17 11.41
N LEU C 61 4.28 -17.71 10.21
CA LEU C 61 2.94 -18.08 9.77
C LEU C 61 2.37 -19.20 10.64
N GLU C 62 3.16 -20.25 10.84
CA GLU C 62 2.72 -21.40 11.65
C GLU C 62 2.43 -21.05 13.12
N GLU C 63 3.28 -20.24 13.75
CA GLU C 63 3.01 -19.74 15.11
C GLU C 63 1.70 -18.93 15.20
N ALA C 64 1.34 -18.21 14.13
CA ALA C 64 0.08 -17.47 14.05
C ALA C 64 -1.15 -18.34 13.67
N GLY C 65 -0.96 -19.63 13.41
CA GLY C 65 -2.04 -20.51 12.94
C GLY C 65 -2.40 -20.25 11.49
N ALA C 66 -1.43 -19.83 10.70
CA ALA C 66 -1.65 -19.58 9.28
C ALA C 66 -0.66 -20.42 8.50
N SER C 67 -0.70 -20.31 7.17
CA SER C 67 0.24 -21.02 6.30
C SER C 67 0.44 -20.25 5.01
N PHE C 68 1.39 -20.71 4.17
CA PHE C 68 1.59 -20.11 2.87
C PHE C 68 0.31 -20.15 2.04
N GLU C 69 -0.50 -21.19 2.23
CA GLU C 69 -1.75 -21.37 1.46
C GLU C 69 -2.84 -20.34 1.86
N THR C 70 -2.72 -19.72 3.04
CA THR C 70 -3.70 -18.72 3.45
C THR C 70 -3.21 -17.27 3.30
N VAL C 71 -2.01 -17.07 2.75
CA VAL C 71 -1.50 -15.75 2.46
C VAL C 71 -2.32 -15.16 1.33
N VAL C 72 -2.94 -14.01 1.62
CA VAL C 72 -3.72 -13.28 0.63
C VAL C 72 -2.96 -12.10 0.05
N LYS C 73 -1.88 -11.68 0.72
CA LYS C 73 -0.98 -10.66 0.17
C LYS C 73 0.46 -10.83 0.62
N ALA C 74 1.40 -10.54 -0.29
CA ALA C 74 2.82 -10.48 0.01
C ALA C 74 3.40 -9.18 -0.53
N THR C 75 4.31 -8.59 0.24
CA THR C 75 5.03 -7.41 -0.19
C THR C 75 6.52 -7.71 -0.06
N VAL C 76 7.24 -7.55 -1.18
CA VAL C 76 8.68 -7.77 -1.24
C VAL C 76 9.37 -6.41 -1.21
N PHE C 77 10.34 -6.24 -0.32
CA PHE C 77 11.21 -5.05 -0.32
C PHE C 77 12.60 -5.45 -0.78
N ILE C 78 13.17 -4.68 -1.71
CA ILE C 78 14.50 -4.95 -2.29
C ILE C 78 15.21 -3.63 -2.43
N ALA C 79 16.53 -3.64 -2.38
CA ALA C 79 17.32 -2.40 -2.55
C ALA C 79 17.29 -1.91 -3.99
N ASP C 80 17.27 -2.85 -4.92
CA ASP C 80 17.31 -2.53 -6.35
C ASP C 80 16.24 -3.34 -7.07
N MET C 81 15.36 -2.64 -7.79
CA MET C 81 14.31 -3.31 -8.55
C MET C 81 14.82 -4.28 -9.61
N GLU C 82 16.08 -4.13 -10.06
CA GLU C 82 16.73 -5.08 -10.97
C GLU C 82 16.83 -6.49 -10.41
N GLN C 83 16.86 -6.61 -9.09
CA GLN C 83 16.93 -7.92 -8.45
C GLN C 83 15.58 -8.64 -8.33
N PHE C 84 14.49 -7.99 -8.70
CA PHE C 84 13.19 -8.62 -8.56
C PHE C 84 13.07 -10.00 -9.24
N ALA C 85 13.62 -10.15 -10.43
CA ALA C 85 13.44 -11.39 -11.19
C ALA C 85 13.91 -12.64 -10.44
N GLU C 86 15.11 -12.56 -9.85
CA GLU C 86 15.66 -13.67 -9.04
C GLU C 86 14.86 -13.96 -7.75
N VAL C 87 14.48 -12.89 -7.05
CA VAL C 87 13.57 -13.03 -5.88
C VAL C 87 12.29 -13.73 -6.29
N ASN C 88 11.75 -13.34 -7.44
CA ASN C 88 10.48 -13.93 -7.94
C ASN C 88 10.61 -15.41 -8.35
N GLU C 89 11.76 -15.81 -8.90
CA GLU C 89 12.06 -17.25 -9.11
C GLU C 89 11.91 -18.03 -7.80
N VAL C 90 12.41 -17.47 -6.70
CA VAL C 90 12.25 -18.14 -5.39
C VAL C 90 10.81 -18.02 -4.87
N TYR C 91 10.21 -16.84 -4.98
CA TYR C 91 8.82 -16.65 -4.58
C TYR C 91 7.88 -17.74 -5.14
N GLY C 92 8.03 -18.03 -6.42
CA GLY C 92 7.22 -19.04 -7.09
C GLY C 92 7.40 -20.47 -6.62
N GLN C 93 8.48 -20.77 -5.91
CA GLN C 93 8.68 -22.11 -5.33
C GLN C 93 7.83 -22.32 -4.07
N TYR C 94 7.60 -21.26 -3.29
CA TYR C 94 6.78 -21.35 -2.07
C TYR C 94 5.31 -21.03 -2.36
N PHE C 95 5.08 -20.05 -3.24
CA PHE C 95 3.77 -19.72 -3.74
C PHE C 95 3.67 -20.32 -5.15
N ASP C 96 3.49 -21.63 -5.22
CA ASP C 96 3.46 -22.35 -6.50
C ASP C 96 2.00 -22.57 -6.94
N THR C 97 1.31 -23.54 -6.33
CA THR C 97 -0.07 -23.83 -6.69
C THR C 97 -1.03 -22.79 -6.11
N HIS C 98 -0.61 -22.10 -5.06
CA HIS C 98 -1.32 -20.94 -4.54
C HIS C 98 -0.52 -19.64 -4.79
N LYS C 99 -1.14 -18.67 -5.46
CA LYS C 99 -0.56 -17.34 -5.67
C LYS C 99 -1.41 -16.30 -4.92
N PRO C 100 -0.82 -15.61 -3.93
CA PRO C 100 -1.56 -14.56 -3.25
C PRO C 100 -2.22 -13.58 -4.22
N ALA C 101 -3.45 -13.21 -3.87
CA ALA C 101 -4.29 -12.38 -4.72
C ALA C 101 -3.73 -10.98 -4.96
N ARG C 102 -2.93 -10.47 -4.02
CA ARG C 102 -2.27 -9.19 -4.16
C ARG C 102 -0.80 -9.38 -3.90
N PHE C 103 0.00 -8.64 -4.64
CA PHE C 103 1.41 -8.79 -4.55
C PHE C 103 2.02 -7.45 -4.90
N CYS C 104 2.93 -6.95 -4.05
CA CYS C 104 3.67 -5.73 -4.33
C CYS C 104 5.16 -5.93 -4.17
N VAL C 105 5.94 -5.18 -4.92
CA VAL C 105 7.39 -5.06 -4.77
C VAL C 105 7.75 -3.58 -4.65
N GLU C 106 8.61 -3.25 -3.69
CA GLU C 106 9.00 -1.85 -3.42
C GLU C 106 10.48 -1.75 -3.18
N VAL C 107 11.08 -0.69 -3.68
CA VAL C 107 12.45 -0.37 -3.33
C VAL C 107 12.45 0.16 -1.90
N ALA C 108 13.42 -0.26 -1.10
CA ALA C 108 13.51 0.20 0.29
C ALA C 108 14.94 0.12 0.80
N ARG C 109 15.23 0.95 1.80
CA ARG C 109 16.44 0.81 2.59
C ARG C 109 16.20 -0.38 3.50
N LEU C 110 17.07 -1.40 3.41
CA LEU C 110 16.96 -2.61 4.22
C LEU C 110 18.01 -2.62 5.31
N PRO C 111 17.82 -3.48 6.34
CA PRO C 111 18.90 -3.62 7.33
C PRO C 111 20.25 -4.06 6.73
N LYS C 112 21.31 -3.81 7.48
CA LYS C 112 22.67 -4.16 7.06
C LYS C 112 22.77 -5.59 6.49
N ASP C 113 23.35 -5.71 5.29
CA ASP C 113 23.53 -6.99 4.57
C ASP C 113 22.25 -7.72 4.12
N ALA C 114 21.06 -7.11 4.25
CA ALA C 114 19.84 -7.74 3.71
C ALA C 114 19.60 -7.25 2.28
N LEU C 115 19.44 -8.19 1.35
CA LEU C 115 19.12 -7.84 -0.04
C LEU C 115 17.60 -7.94 -0.30
N VAL C 116 16.87 -8.53 0.63
CA VAL C 116 15.46 -8.80 0.45
C VAL C 116 14.75 -8.92 1.79
N GLU C 117 13.52 -8.45 1.83
CA GLU C 117 12.68 -8.53 3.00
C GLU C 117 11.25 -8.76 2.50
N ILE C 118 10.48 -9.57 3.22
CA ILE C 118 9.12 -9.91 2.81
C ILE C 118 8.15 -9.87 3.97
N GLU C 119 7.00 -9.19 3.75
CA GLU C 119 5.88 -9.25 4.69
C GLU C 119 4.66 -9.86 4.01
N VAL C 120 3.87 -10.58 4.80
CA VAL C 120 2.66 -11.20 4.33
C VAL C 120 1.47 -10.90 5.21
N ILE C 121 0.31 -11.07 4.59
CA ILE C 121 -0.97 -10.97 5.25
C ILE C 121 -1.65 -12.30 5.00
N ALA C 122 -2.14 -12.95 6.06
CA ALA C 122 -2.67 -14.31 5.94
C ALA C 122 -3.85 -14.57 6.87
N LEU C 123 -4.81 -15.36 6.37
CA LEU C 123 -5.97 -15.75 7.13
C LEU C 123 -5.56 -16.77 8.20
N VAL C 124 -6.04 -16.56 9.44
CA VAL C 124 -5.82 -17.48 10.55
C VAL C 124 -6.94 -18.49 10.50
N LYS C 125 -6.58 -19.74 10.22
CA LYS C 125 -7.55 -20.85 10.01
C LYS C 125 -8.35 -21.09 11.30
N SER D 18 -9.22 14.95 -17.61
CA SER D 18 -10.45 14.10 -17.70
C SER D 18 -10.23 12.75 -17.01
N GLN D 19 -9.18 12.06 -17.45
CA GLN D 19 -8.89 10.70 -17.01
C GLN D 19 -8.40 10.67 -15.54
N GLY D 20 -7.14 11.09 -15.33
CA GLY D 20 -6.49 11.05 -14.04
C GLY D 20 -6.35 12.45 -13.49
N ILE D 21 -5.39 12.63 -12.60
CA ILE D 21 -5.23 13.91 -11.93
C ILE D 21 -3.77 14.15 -11.64
N ILE D 22 -3.41 15.43 -11.60
CA ILE D 22 -2.07 15.87 -11.21
C ILE D 22 -2.16 16.62 -9.88
N VAL D 23 -1.40 16.15 -8.88
CA VAL D 23 -1.31 16.79 -7.56
C VAL D 23 0.17 16.91 -7.21
N ASN D 24 0.63 18.14 -6.95
CA ASN D 24 1.97 18.36 -6.37
C ASN D 24 3.08 17.65 -7.19
N ASN D 25 3.06 17.90 -8.51
CA ASN D 25 4.02 17.36 -9.48
C ASN D 25 3.90 15.88 -9.78
N MET D 26 2.88 15.20 -9.26
CA MET D 26 2.65 13.80 -9.53
C MET D 26 1.38 13.63 -10.33
N PHE D 27 1.47 12.83 -11.39
CA PHE D 27 0.34 12.40 -12.19
C PHE D 27 -0.11 11.02 -11.70
N TYR D 28 -1.39 10.91 -11.35
CA TYR D 28 -2.00 9.68 -10.91
C TYR D 28 -3.00 9.31 -11.98
N SER D 29 -2.63 8.36 -12.83
CA SER D 29 -3.50 7.99 -13.95
C SER D 29 -4.71 7.21 -13.48
N SER D 30 -5.75 7.22 -14.29
CA SER D 30 -6.84 6.30 -14.12
C SER D 30 -6.38 4.99 -14.72
N GLY D 31 -7.14 3.94 -14.44
CA GLY D 31 -6.82 2.61 -14.95
C GLY D 31 -7.03 2.60 -16.46
N GLN D 32 -6.02 2.13 -17.19
CA GLN D 32 -6.09 2.02 -18.64
C GLN D 32 -6.38 0.60 -19.04
N ILE D 33 -7.34 0.43 -19.93
CA ILE D 33 -7.81 -0.87 -20.34
C ILE D 33 -7.48 -1.11 -21.82
N PRO D 34 -7.70 -2.35 -22.33
CA PRO D 34 -7.29 -2.69 -23.70
C PRO D 34 -8.23 -2.20 -24.83
N LEU D 35 -8.72 -0.96 -24.75
CA LEU D 35 -9.55 -0.37 -25.78
C LEU D 35 -8.67 0.27 -26.83
N THR D 36 -9.04 0.07 -28.10
CA THR D 36 -8.44 0.80 -29.22
C THR D 36 -8.96 2.25 -29.20
N PRO D 37 -8.34 3.16 -29.99
CA PRO D 37 -8.82 4.54 -30.11
C PRO D 37 -10.30 4.70 -30.55
N SER D 38 -10.81 3.75 -31.33
CA SER D 38 -12.23 3.69 -31.68
C SER D 38 -13.18 3.12 -30.59
N GLY D 39 -12.65 2.76 -29.42
CA GLY D 39 -13.47 2.26 -28.32
C GLY D 39 -13.75 0.76 -28.33
N GLU D 40 -13.10 0.02 -29.22
CA GLU D 40 -13.28 -1.42 -29.33
C GLU D 40 -12.23 -2.17 -28.49
N MET D 41 -12.63 -3.30 -27.91
CA MET D 41 -11.73 -4.13 -27.11
C MET D 41 -10.83 -4.89 -28.05
N VAL D 42 -9.52 -4.76 -27.85
CA VAL D 42 -8.53 -5.34 -28.75
C VAL D 42 -8.68 -6.86 -28.91
N ASN D 43 -8.43 -7.33 -30.14
CA ASN D 43 -8.47 -8.75 -30.49
C ASN D 43 -7.21 -9.43 -30.01
N GLY D 44 -7.37 -10.60 -29.39
CA GLY D 44 -6.24 -11.48 -29.10
C GLY D 44 -6.04 -11.76 -27.62
N ASP D 45 -4.88 -12.34 -27.33
CA ASP D 45 -4.56 -12.82 -25.99
C ASP D 45 -4.20 -11.67 -25.03
N ILE D 46 -3.94 -12.04 -23.78
CA ILE D 46 -3.59 -11.10 -22.72
C ILE D 46 -2.36 -10.26 -23.04
N LYS D 47 -1.41 -10.85 -23.78
CA LYS D 47 -0.22 -10.11 -24.20
C LYS D 47 -0.55 -8.97 -25.17
N GLU D 48 -1.40 -9.24 -26.15
CA GLU D 48 -1.80 -8.21 -27.12
C GLU D 48 -2.58 -7.11 -26.40
N GLN D 49 -3.48 -7.51 -25.51
CA GLN D 49 -4.24 -6.57 -24.67
C GLN D 49 -3.30 -5.67 -23.86
N THR D 50 -2.26 -6.28 -23.28
CA THR D 50 -1.28 -5.56 -22.45
C THR D 50 -0.54 -4.52 -23.29
N HIS D 51 -0.19 -4.86 -24.53
CA HIS D 51 0.47 -3.89 -25.44
C HIS D 51 -0.44 -2.67 -25.71
N GLN D 52 -1.74 -2.93 -25.89
CA GLN D 52 -2.71 -1.84 -26.09
C GLN D 52 -2.82 -0.93 -24.84
N VAL D 53 -2.86 -1.56 -23.65
CA VAL D 53 -2.85 -0.81 -22.40
C VAL D 53 -1.64 0.12 -22.35
N PHE D 54 -0.47 -0.38 -22.74
CA PHE D 54 0.72 0.46 -22.80
C PHE D 54 0.66 1.60 -23.84
N SER D 55 0.09 1.38 -25.04
CA SER D 55 -0.18 2.53 -25.96
C SER D 55 -1.08 3.55 -25.31
N ASN D 56 -2.13 3.07 -24.66
CA ASN D 56 -3.06 3.97 -23.97
C ASN D 56 -2.33 4.74 -22.85
N LEU D 57 -1.53 4.03 -22.06
CA LEU D 57 -0.72 4.66 -20.99
C LEU D 57 0.23 5.72 -21.53
N LYS D 58 0.87 5.39 -22.65
CA LYS D 58 1.81 6.32 -23.28
C LYS D 58 1.12 7.63 -23.64
N ALA D 59 -0.07 7.54 -24.23
CA ALA D 59 -0.85 8.73 -24.60
C ALA D 59 -1.21 9.61 -23.38
N VAL D 60 -1.71 8.98 -22.31
CA VAL D 60 -2.09 9.77 -21.13
C VAL D 60 -0.87 10.30 -20.38
N LEU D 61 0.22 9.53 -20.32
CA LEU D 61 1.45 10.07 -19.71
C LEU D 61 1.94 11.29 -20.50
N GLU D 62 1.99 11.14 -21.82
CA GLU D 62 2.38 12.24 -22.72
C GLU D 62 1.53 13.47 -22.48
N GLU D 63 0.22 13.33 -22.51
CA GLU D 63 -0.71 14.44 -22.20
C GLU D 63 -0.40 15.12 -20.84
N ALA D 64 -0.06 14.33 -19.82
CA ALA D 64 0.25 14.87 -18.49
C ALA D 64 1.64 15.50 -18.39
N GLY D 65 2.49 15.32 -19.40
CA GLY D 65 3.86 15.85 -19.37
C GLY D 65 4.82 14.92 -18.65
N ALA D 66 4.55 13.62 -18.75
CA ALA D 66 5.37 12.57 -18.15
C ALA D 66 5.75 11.58 -19.25
N SER D 67 6.43 10.51 -18.88
CA SER D 67 6.79 9.46 -19.81
C SER D 67 6.93 8.16 -19.06
N PHE D 68 7.21 7.08 -19.77
CA PHE D 68 7.46 5.81 -19.12
C PHE D 68 8.64 5.92 -18.16
N GLU D 69 9.63 6.74 -18.51
CA GLU D 69 10.85 6.89 -17.73
C GLU D 69 10.60 7.57 -16.37
N THR D 70 9.54 8.39 -16.28
CA THR D 70 9.23 9.03 -15.00
C THR D 70 8.10 8.32 -14.20
N VAL D 71 7.66 7.14 -14.65
CA VAL D 71 6.73 6.30 -13.87
C VAL D 71 7.44 5.74 -12.63
N VAL D 72 6.93 6.11 -11.45
CA VAL D 72 7.48 5.65 -10.16
C VAL D 72 6.69 4.50 -9.53
N LYS D 73 5.44 4.31 -9.96
CA LYS D 73 4.68 3.16 -9.55
C LYS D 73 3.72 2.71 -10.64
N ALA D 74 3.61 1.41 -10.82
CA ALA D 74 2.58 0.80 -11.65
C ALA D 74 1.80 -0.20 -10.83
N THR D 75 0.48 -0.23 -11.04
CA THR D 75 -0.42 -1.26 -10.53
C THR D 75 -1.17 -2.00 -11.67
N VAL D 76 -1.04 -3.32 -11.71
CA VAL D 76 -1.60 -4.19 -12.72
C VAL D 76 -2.81 -4.88 -12.09
N PHE D 77 -3.96 -4.74 -12.74
CA PHE D 77 -5.17 -5.46 -12.35
C PHE D 77 -5.38 -6.58 -13.35
N ILE D 78 -5.65 -7.78 -12.84
CA ILE D 78 -5.97 -8.96 -13.66
C ILE D 78 -7.05 -9.80 -12.97
N ALA D 79 -7.70 -10.68 -13.72
CA ALA D 79 -8.83 -11.48 -13.19
C ALA D 79 -8.35 -12.68 -12.40
N ASP D 80 -7.25 -13.28 -12.86
CA ASP D 80 -6.59 -14.39 -12.15
C ASP D 80 -5.06 -14.21 -12.10
N MET D 81 -4.49 -14.33 -10.90
CA MET D 81 -3.05 -14.12 -10.68
C MET D 81 -2.14 -15.05 -11.53
N GLU D 82 -2.67 -16.19 -11.99
CA GLU D 82 -1.94 -17.04 -12.96
C GLU D 82 -1.59 -16.32 -14.27
N GLN D 83 -2.30 -15.24 -14.58
CA GLN D 83 -2.03 -14.48 -15.82
C GLN D 83 -0.78 -13.58 -15.74
N PHE D 84 -0.24 -13.38 -14.54
CA PHE D 84 0.77 -12.36 -14.27
C PHE D 84 2.07 -12.45 -15.09
N ALA D 85 2.64 -13.66 -15.19
CA ALA D 85 3.94 -13.84 -15.87
C ALA D 85 3.88 -13.35 -17.32
N GLU D 86 2.77 -13.64 -17.98
CA GLU D 86 2.54 -13.19 -19.36
C GLU D 86 2.42 -11.65 -19.44
N VAL D 87 1.66 -11.04 -18.54
CA VAL D 87 1.56 -9.55 -18.47
C VAL D 87 2.97 -8.97 -18.25
N ASN D 88 3.74 -9.60 -17.37
CA ASN D 88 5.06 -9.10 -16.95
C ASN D 88 6.11 -9.20 -18.07
N GLU D 89 6.02 -10.22 -18.92
CA GLU D 89 6.84 -10.28 -20.15
C GLU D 89 6.70 -8.98 -20.96
N VAL D 90 5.46 -8.52 -21.15
CA VAL D 90 5.19 -7.27 -21.87
C VAL D 90 5.62 -6.05 -21.07
N TYR D 91 5.30 -6.04 -19.77
CA TYR D 91 5.71 -4.96 -18.84
C TYR D 91 7.21 -4.68 -18.96
N GLY D 92 8.00 -5.75 -18.94
CA GLY D 92 9.47 -5.65 -19.10
C GLY D 92 9.96 -5.07 -20.42
N GLN D 93 9.12 -5.07 -21.46
CA GLN D 93 9.48 -4.44 -22.74
C GLN D 93 9.39 -2.93 -22.66
N TYR D 94 8.36 -2.39 -21.98
CA TYR D 94 8.23 -0.95 -21.85
C TYR D 94 9.02 -0.44 -20.67
N PHE D 95 9.13 -1.25 -19.61
CA PHE D 95 9.93 -0.88 -18.45
C PHE D 95 11.17 -1.79 -18.48
N ASP D 96 12.13 -1.38 -19.29
CA ASP D 96 13.33 -2.18 -19.56
C ASP D 96 14.50 -1.64 -18.76
N THR D 97 15.16 -0.59 -19.26
CA THR D 97 16.27 0.05 -18.55
C THR D 97 15.77 0.91 -17.38
N HIS D 98 14.49 1.28 -17.42
CA HIS D 98 13.81 1.90 -16.31
C HIS D 98 12.79 0.92 -15.72
N LYS D 99 12.93 0.61 -14.44
CA LYS D 99 11.94 -0.17 -13.69
C LYS D 99 11.32 0.67 -12.57
N PRO D 100 10.00 0.91 -12.63
CA PRO D 100 9.37 1.68 -11.54
C PRO D 100 9.69 1.11 -10.17
N ALA D 101 9.97 2.00 -9.24
CA ALA D 101 10.40 1.65 -7.90
C ALA D 101 9.35 0.89 -7.06
N ARG D 102 8.06 1.07 -7.36
CA ARG D 102 6.98 0.28 -6.78
C ARG D 102 6.08 -0.31 -7.88
N PHE D 103 5.64 -1.55 -7.65
CA PHE D 103 4.95 -2.37 -8.61
C PHE D 103 3.97 -3.22 -7.81
N CYS D 104 2.67 -3.10 -8.07
CA CYS D 104 1.69 -3.97 -7.45
C CYS D 104 0.91 -4.70 -8.52
N VAL D 105 0.38 -5.87 -8.16
CA VAL D 105 -0.48 -6.68 -9.01
C VAL D 105 -1.59 -7.15 -8.12
N GLU D 106 -2.82 -7.06 -8.60
CA GLU D 106 -3.96 -7.49 -7.80
C GLU D 106 -5.13 -7.96 -8.64
N VAL D 107 -5.82 -8.94 -8.07
CA VAL D 107 -6.98 -9.52 -8.68
C VAL D 107 -8.14 -8.53 -8.55
N ALA D 108 -8.94 -8.44 -9.62
CA ALA D 108 -10.10 -7.54 -9.68
C ALA D 108 -11.09 -7.96 -10.75
N ARG D 109 -12.33 -7.50 -10.60
CA ARG D 109 -13.34 -7.56 -11.67
C ARG D 109 -13.01 -6.47 -12.70
N LEU D 110 -12.58 -6.89 -13.87
CA LEU D 110 -12.37 -5.96 -14.97
C LEU D 110 -13.63 -5.89 -15.84
N PRO D 111 -13.78 -4.81 -16.62
CA PRO D 111 -14.73 -4.72 -17.72
C PRO D 111 -14.82 -5.97 -18.60
N LYS D 112 -16.04 -6.27 -19.06
CA LYS D 112 -16.34 -7.34 -20.03
C LYS D 112 -15.25 -7.47 -21.09
N ASP D 113 -14.72 -8.68 -21.24
CA ASP D 113 -13.62 -9.02 -22.17
C ASP D 113 -12.22 -8.44 -21.84
N ALA D 114 -12.09 -7.53 -20.86
CA ALA D 114 -10.77 -7.01 -20.48
C ALA D 114 -10.06 -8.02 -19.59
N LEU D 115 -8.87 -8.44 -19.98
CA LEU D 115 -8.04 -9.36 -19.20
C LEU D 115 -7.01 -8.65 -18.31
N VAL D 116 -6.80 -7.35 -18.54
CA VAL D 116 -5.73 -6.62 -17.88
C VAL D 116 -6.03 -5.12 -17.87
N GLU D 117 -5.61 -4.46 -16.80
CA GLU D 117 -5.77 -3.03 -16.63
C GLU D 117 -4.58 -2.51 -15.83
N ILE D 118 -4.04 -1.37 -16.25
CA ILE D 118 -2.89 -0.79 -15.54
C ILE D 118 -3.15 0.67 -15.24
N GLU D 119 -2.81 1.08 -14.01
CA GLU D 119 -2.74 2.49 -13.63
C GLU D 119 -1.31 2.82 -13.19
N VAL D 120 -0.89 4.05 -13.42
CA VAL D 120 0.47 4.45 -13.11
C VAL D 120 0.49 5.74 -12.31
N ILE D 121 1.61 5.95 -11.65
CA ILE D 121 1.93 7.20 -10.98
C ILE D 121 3.26 7.62 -11.57
N ALA D 122 3.33 8.86 -12.06
CA ALA D 122 4.53 9.38 -12.69
C ALA D 122 4.81 10.82 -12.32
N LEU D 123 6.10 11.13 -12.24
CA LEU D 123 6.58 12.46 -11.98
C LEU D 123 6.37 13.33 -13.23
N VAL D 124 5.87 14.54 -13.01
CA VAL D 124 5.67 15.56 -14.03
C VAL D 124 6.85 16.49 -13.90
N LYS D 125 7.80 16.40 -14.83
CA LYS D 125 8.93 17.33 -14.83
C LYS D 125 8.48 18.73 -15.25
ZN ZN E . 6.18 17.06 22.96
CL CL F . -0.52 17.98 20.43
CL CL G . 0.32 4.59 -3.51
CL CL H . 0.89 15.55 -2.40
CL CL I . 8.57 21.06 12.96
C1 BTB J . 7.70 -1.84 10.97
O1 BTB J . 6.57 -1.52 11.79
C2 BTB J . 7.43 -1.74 9.44
C3 BTB J . 7.58 -0.28 8.99
O3 BTB J . 8.94 0.15 8.77
C4 BTB J . 5.96 -2.13 9.21
O4 BTB J . 5.53 -3.32 9.91
N BTB J . 8.37 -2.64 8.63
C5 BTB J . 8.45 -2.35 7.16
C6 BTB J . 8.88 -3.57 6.35
O6 BTB J . 8.07 -4.72 6.67
C7 BTB J . 9.76 -2.83 9.18
C8 BTB J . 10.01 -4.20 9.84
O8 BTB J . 8.91 -5.12 9.87
ZN ZN K . -28.57 10.87 4.66
CL CL L . -23.91 12.41 9.41
MG MG M . -22.93 -1.06 13.14
CL CL N . -5.33 -15.25 -2.11
ZN ZN O . 19.61 -22.37 0.26
CL CL P . 16.74 -21.12 -6.01
MG MG Q . 3.56 -2.47 4.51
CL CL R . 4.83 -9.62 -26.67
CL CL S . 11.16 4.97 -10.24
CL CL T . 7.10 7.16 -22.99
MG MG U . -4.98 2.02 -6.83
#